data_4UOI
#
_entry.id   4UOI
#
_cell.length_a   105.006
_cell.length_b   105.006
_cell.length_c   204.740
_cell.angle_alpha   90.00
_cell.angle_beta   90.00
_cell.angle_gamma   90.00
#
_symmetry.space_group_name_H-M   'P 41 21 2'
#
loop_
_entity.id
_entity.type
_entity.pdbx_description
1 polymer 'GENOME POLYPROTEIN'
2 non-polymer 2-acetamido-2-deoxy-beta-D-glucopyranose
#
_entity_poly.entity_id   1
_entity_poly.type   'polypeptide(L)'
_entity_poly.pdbx_seq_one_letter_code
;ETGYQVRNSSGLYHVTNDCPNSSVVYEAADAILHTPGCVPCVREGQASRCWVAVTPTVATRDGKLPTTQLRRHIDLLVGS
ATENLYFQ
;
_entity_poly.pdbx_strand_id   A,B,C,D,E,F
#
loop_
_chem_comp.id
_chem_comp.type
_chem_comp.name
_chem_comp.formula
NAG D-saccharide, beta linking 2-acetamido-2-deoxy-beta-D-glucopyranose 'C8 H15 N O6'
#
# COMPACT_ATOMS: atom_id res chain seq x y z
N GLY A 3 -9.24 -0.86 0.85
CA GLY A 3 -9.19 -0.66 -0.61
C GLY A 3 -9.55 -1.89 -1.41
N TYR A 4 -8.53 -2.52 -2.08
CA TYR A 4 -8.63 -3.75 -2.89
C TYR A 4 -7.27 -4.18 -3.46
N GLN A 5 -7.06 -5.49 -3.64
CA GLN A 5 -5.79 -5.96 -4.19
C GLN A 5 -5.88 -6.30 -5.68
N VAL A 6 -4.69 -6.38 -6.32
CA VAL A 6 -4.48 -6.68 -7.73
C VAL A 6 -3.34 -7.67 -7.87
N ARG A 7 -3.54 -8.71 -8.68
CA ARG A 7 -2.52 -9.71 -9.01
C ARG A 7 -2.46 -9.76 -10.54
N ASN A 8 -1.60 -8.89 -11.08
CA ASN A 8 -1.33 -8.63 -12.49
C ASN A 8 -0.09 -9.51 -12.93
N SER A 9 0.64 -9.16 -14.02
CA SER A 9 1.83 -9.87 -14.49
C SER A 9 3.14 -9.40 -13.80
N SER A 10 3.18 -8.16 -13.26
CA SER A 10 4.37 -7.59 -12.62
C SER A 10 4.43 -7.77 -11.08
N GLY A 11 3.48 -8.53 -10.53
CA GLY A 11 3.47 -8.82 -9.10
C GLY A 11 2.13 -8.75 -8.42
N LEU A 12 2.15 -8.57 -7.09
CA LEU A 12 0.98 -8.44 -6.23
C LEU A 12 0.95 -7.04 -5.64
N TYR A 13 -0.15 -6.32 -5.89
CA TYR A 13 -0.34 -4.93 -5.48
C TYR A 13 -1.60 -4.72 -4.65
N HIS A 14 -1.67 -3.56 -3.96
CA HIS A 14 -2.80 -3.08 -3.16
C HIS A 14 -3.10 -1.69 -3.65
N VAL A 15 -4.33 -1.48 -4.14
CA VAL A 15 -4.74 -0.20 -4.71
C VAL A 15 -5.84 0.45 -3.86
N THR A 16 -5.74 1.77 -3.67
CA THR A 16 -6.73 2.59 -2.98
C THR A 16 -7.11 3.79 -3.89
N ASN A 17 -8.40 4.01 -4.13
CA ASN A 17 -8.89 5.12 -4.96
C ASN A 17 -8.88 6.38 -4.10
N ASP A 18 -8.07 7.38 -4.47
CA ASP A 18 -7.94 8.64 -3.73
C ASP A 18 -9.18 9.56 -3.86
N CYS A 19 -10.10 9.20 -4.77
CA CYS A 19 -11.31 9.94 -5.12
C CYS A 19 -12.42 8.92 -5.38
N PRO A 20 -12.99 8.19 -4.40
CA PRO A 20 -14.01 7.18 -4.78
C PRO A 20 -15.30 7.77 -5.37
N ASN A 21 -15.68 8.95 -4.93
CA ASN A 21 -16.89 9.61 -5.41
C ASN A 21 -16.67 10.33 -6.74
N SER A 22 -15.41 10.52 -7.14
CA SER A 22 -15.04 11.27 -8.33
C SER A 22 -14.79 10.38 -9.54
N SER A 23 -14.86 9.06 -9.35
CA SER A 23 -14.60 8.06 -10.40
C SER A 23 -15.46 8.25 -11.67
N VAL A 24 -16.79 8.53 -11.55
CA VAL A 24 -17.68 8.75 -12.71
C VAL A 24 -17.25 10.01 -13.50
N VAL A 25 -16.67 11.02 -12.82
CA VAL A 25 -16.21 12.27 -13.44
C VAL A 25 -15.06 11.98 -14.38
N TYR A 26 -14.07 11.21 -13.89
CA TYR A 26 -12.88 10.82 -14.66
C TYR A 26 -13.29 9.96 -15.84
N GLU A 27 -14.23 9.02 -15.58
CA GLU A 27 -14.82 8.11 -16.55
C GLU A 27 -15.51 8.92 -17.66
N ALA A 28 -16.32 9.92 -17.28
CA ALA A 28 -17.04 10.80 -18.20
C ALA A 28 -16.06 11.64 -19.01
N ALA A 29 -15.09 12.31 -18.33
CA ALA A 29 -14.09 13.17 -18.96
C ALA A 29 -13.34 12.42 -20.06
N ASP A 30 -12.97 11.16 -19.81
CA ASP A 30 -12.30 10.30 -20.78
C ASP A 30 -13.27 9.99 -21.94
N ALA A 31 -14.50 9.57 -21.61
CA ALA A 31 -15.55 9.22 -22.58
C ALA A 31 -15.87 10.36 -23.53
N ILE A 32 -15.83 11.63 -23.06
CA ILE A 32 -16.10 12.81 -23.88
C ILE A 32 -15.01 12.95 -24.96
N LEU A 33 -13.75 12.73 -24.58
CA LEU A 33 -12.62 12.82 -25.51
C LEU A 33 -12.58 11.67 -26.50
N HIS A 34 -13.05 10.49 -26.09
CA HIS A 34 -13.06 9.31 -26.94
C HIS A 34 -14.35 9.24 -27.77
N THR A 35 -15.26 10.22 -27.58
CA THR A 35 -16.47 10.38 -28.37
C THR A 35 -15.97 10.98 -29.70
N PRO A 36 -16.09 10.21 -30.82
CA PRO A 36 -15.59 10.73 -32.11
C PRO A 36 -16.52 11.81 -32.68
N GLY A 37 -17.82 11.70 -32.39
CA GLY A 37 -18.79 12.71 -32.82
C GLY A 37 -18.82 13.87 -31.83
N CYS A 38 -19.97 14.51 -31.66
CA CYS A 38 -20.07 15.58 -30.66
C CYS A 38 -21.08 15.20 -29.61
N VAL A 39 -20.74 15.39 -28.33
CA VAL A 39 -21.66 15.01 -27.25
C VAL A 39 -22.95 15.83 -27.36
N PRO A 40 -24.11 15.18 -27.40
CA PRO A 40 -25.36 15.94 -27.52
C PRO A 40 -25.70 16.69 -26.21
N CYS A 41 -25.72 18.03 -26.28
CA CYS A 41 -26.06 18.91 -25.18
C CYS A 41 -27.31 19.68 -25.49
N VAL A 42 -27.98 20.14 -24.43
CA VAL A 42 -29.16 21.00 -24.43
C VAL A 42 -29.06 21.90 -23.24
N ARG A 43 -29.43 23.17 -23.39
CA ARG A 43 -29.48 24.06 -22.24
C ARG A 43 -30.69 23.63 -21.42
N GLU A 44 -30.46 23.22 -20.16
CA GLU A 44 -31.49 22.82 -19.22
C GLU A 44 -31.36 23.77 -18.01
N GLY A 45 -32.04 24.91 -18.10
CA GLY A 45 -31.98 25.96 -17.09
C GLY A 45 -30.78 26.87 -17.31
N GLN A 46 -29.97 27.03 -16.25
CA GLN A 46 -28.75 27.84 -16.30
C GLN A 46 -27.55 26.91 -16.42
N ALA A 47 -27.82 25.67 -16.85
CA ALA A 47 -26.84 24.62 -16.99
C ALA A 47 -26.98 23.94 -18.37
N SER A 48 -26.09 22.97 -18.66
CA SER A 48 -26.09 22.23 -19.90
C SER A 48 -26.22 20.74 -19.64
N ARG A 49 -27.34 20.16 -20.06
CA ARG A 49 -27.65 18.74 -19.91
C ARG A 49 -27.10 17.98 -21.11
N CYS A 50 -26.15 17.03 -20.85
CA CYS A 50 -25.49 16.27 -21.91
C CYS A 50 -25.57 14.79 -21.67
N TRP A 51 -25.53 14.02 -22.78
CA TRP A 51 -25.58 12.57 -22.81
C TRP A 51 -24.26 12.05 -23.36
N VAL A 52 -23.52 11.25 -22.56
CA VAL A 52 -22.23 10.72 -23.00
C VAL A 52 -22.33 9.20 -23.12
N ALA A 53 -22.05 8.66 -24.31
CA ALA A 53 -22.12 7.21 -24.48
C ALA A 53 -20.82 6.59 -24.04
N VAL A 54 -20.91 5.55 -23.21
CA VAL A 54 -19.75 4.86 -22.67
C VAL A 54 -19.39 3.68 -23.59
N THR A 55 -18.10 3.32 -23.61
CA THR A 55 -17.57 2.19 -24.40
C THR A 55 -18.14 0.84 -23.83
N PRO A 56 -18.75 0.00 -24.70
CA PRO A 56 -19.31 -1.28 -24.20
C PRO A 56 -18.24 -2.32 -23.84
N LEU A 70 -28.96 -4.18 -22.82
CA LEU A 70 -28.21 -3.61 -21.70
C LEU A 70 -27.15 -2.60 -22.21
N ARG A 71 -27.60 -1.36 -22.51
CA ARG A 71 -26.74 -0.27 -22.99
C ARG A 71 -26.75 0.87 -21.96
N ARG A 72 -25.56 1.22 -21.42
CA ARG A 72 -25.48 2.29 -20.43
C ARG A 72 -24.71 3.52 -20.98
N HIS A 73 -25.13 4.70 -20.49
CA HIS A 73 -24.55 5.99 -20.84
C HIS A 73 -24.36 6.82 -19.54
N ILE A 74 -23.74 8.00 -19.68
CA ILE A 74 -23.47 8.91 -18.58
C ILE A 74 -24.27 10.21 -18.79
N ASP A 75 -25.12 10.54 -17.83
CA ASP A 75 -25.83 11.81 -17.86
C ASP A 75 -25.00 12.82 -17.11
N LEU A 76 -24.91 14.06 -17.61
CA LEU A 76 -24.26 15.10 -16.84
C LEU A 76 -24.85 16.50 -17.13
N LEU A 77 -24.70 17.36 -16.14
CA LEU A 77 -25.10 18.75 -16.16
C LEU A 77 -23.89 19.56 -15.83
N VAL A 78 -23.54 20.51 -16.67
CA VAL A 78 -22.39 21.42 -16.50
C VAL A 78 -22.93 22.84 -16.32
N GLY A 79 -22.26 23.64 -15.51
CA GLY A 79 -22.67 25.02 -15.24
C GLY A 79 -21.52 25.91 -14.81
N SER A 80 -21.81 27.23 -14.70
CA SER A 80 -20.80 28.21 -14.29
C SER A 80 -20.82 28.45 -12.77
N TYR B 4 3.30 6.98 7.01
CA TYR B 4 4.38 6.61 7.94
C TYR B 4 4.27 5.14 8.41
N GLN B 5 5.44 4.54 8.69
CA GLN B 5 5.56 3.16 9.15
C GLN B 5 5.53 3.07 10.68
N VAL B 6 5.19 1.87 11.20
CA VAL B 6 5.18 1.50 12.62
C VAL B 6 5.83 0.12 12.72
N ARG B 7 6.73 -0.07 13.71
CA ARG B 7 7.42 -1.35 13.91
C ARG B 7 7.38 -1.75 15.38
N ASN B 8 6.40 -2.59 15.75
CA ASN B 8 6.24 -3.05 17.12
C ASN B 8 6.39 -4.58 17.23
N SER B 9 6.07 -5.15 18.40
CA SER B 9 6.21 -6.58 18.72
C SER B 9 5.37 -7.52 17.82
N SER B 10 4.27 -7.02 17.22
CA SER B 10 3.38 -7.84 16.39
C SER B 10 3.71 -7.74 14.87
N GLY B 11 4.74 -6.99 14.52
CA GLY B 11 5.21 -6.86 13.13
C GLY B 11 5.49 -5.44 12.68
N LEU B 12 5.54 -5.24 11.36
CA LEU B 12 5.71 -3.90 10.83
C LEU B 12 4.48 -3.55 10.01
N TYR B 13 3.95 -2.36 10.30
CA TYR B 13 2.73 -1.80 9.78
C TYR B 13 2.96 -0.47 9.07
N HIS B 14 1.94 0.00 8.34
CA HIS B 14 1.87 1.27 7.61
C HIS B 14 0.60 1.94 8.02
N VAL B 15 0.71 3.18 8.53
CA VAL B 15 -0.46 3.99 8.95
C VAL B 15 -0.55 5.22 8.03
N THR B 16 -1.68 5.35 7.29
CA THR B 16 -1.87 6.34 6.24
C THR B 16 -3.16 7.15 6.40
N ASN B 17 -3.09 8.49 6.20
CA ASN B 17 -4.25 9.38 6.27
C ASN B 17 -5.01 9.29 4.96
N ASP B 18 -6.27 8.83 5.01
CA ASP B 18 -7.13 8.62 3.84
C ASP B 18 -7.56 9.94 3.16
N CYS B 19 -7.38 11.08 3.85
CA CYS B 19 -7.67 12.41 3.31
C CYS B 19 -6.71 13.40 3.97
N PRO B 20 -5.50 13.50 3.43
CA PRO B 20 -4.50 14.41 4.02
C PRO B 20 -4.88 15.89 3.94
N ASN B 21 -5.63 16.29 2.91
CA ASN B 21 -6.06 17.66 2.70
C ASN B 21 -7.24 18.06 3.59
N SER B 22 -7.96 17.08 4.13
CA SER B 22 -9.17 17.31 4.91
C SER B 22 -8.92 17.32 6.43
N SER B 23 -7.67 17.07 6.85
CA SER B 23 -7.24 16.98 8.23
C SER B 23 -7.61 18.18 9.11
N VAL B 24 -7.39 19.44 8.64
CA VAL B 24 -7.72 20.63 9.45
C VAL B 24 -9.26 20.72 9.69
N VAL B 25 -10.08 20.23 8.75
CA VAL B 25 -11.53 20.24 8.85
C VAL B 25 -11.98 19.33 9.99
N TYR B 26 -11.44 18.10 10.05
CA TYR B 26 -11.73 17.14 11.11
C TYR B 26 -11.28 17.67 12.45
N GLU B 27 -10.08 18.29 12.47
CA GLU B 27 -9.48 18.93 13.65
C GLU B 27 -10.41 20.06 14.15
N ALA B 28 -10.93 20.87 13.21
CA ALA B 28 -11.84 21.99 13.47
C ALA B 28 -13.16 21.48 14.00
N ALA B 29 -13.77 20.51 13.30
CA ALA B 29 -15.04 19.89 13.66
C ALA B 29 -14.97 19.40 15.10
N ASP B 30 -13.91 18.66 15.46
CA ASP B 30 -13.72 18.14 16.80
C ASP B 30 -13.71 19.30 17.82
N ALA B 31 -12.91 20.32 17.54
CA ALA B 31 -12.77 21.49 18.41
C ALA B 31 -14.10 22.22 18.65
N ILE B 32 -14.98 22.27 17.63
CA ILE B 32 -16.31 22.90 17.70
C ILE B 32 -17.18 22.12 18.69
N LEU B 33 -17.13 20.77 18.64
CA LEU B 33 -17.91 19.91 19.55
C LEU B 33 -17.42 19.95 20.96
N HIS B 34 -16.12 20.16 21.15
CA HIS B 34 -15.51 20.19 22.47
C HIS B 34 -15.57 21.59 23.05
N THR B 35 -16.04 22.57 22.25
CA THR B 35 -16.28 23.95 22.70
C THR B 35 -17.59 23.89 23.51
N PRO B 36 -17.54 24.08 24.85
CA PRO B 36 -18.77 23.98 25.65
C PRO B 36 -19.66 25.20 25.45
N GLY B 37 -19.04 26.36 25.27
CA GLY B 37 -19.71 27.63 25.03
C GLY B 37 -20.06 27.77 23.56
N CYS B 38 -20.01 28.99 23.04
CA CYS B 38 -20.30 29.10 21.61
C CYS B 38 -19.15 29.69 20.84
N VAL B 39 -18.90 29.11 19.66
CA VAL B 39 -17.82 29.53 18.79
C VAL B 39 -18.10 30.95 18.33
N PRO B 40 -17.15 31.88 18.53
CA PRO B 40 -17.39 33.28 18.14
C PRO B 40 -17.43 33.44 16.61
N CYS B 41 -18.57 33.90 16.08
CA CYS B 41 -18.71 34.08 14.64
C CYS B 41 -19.24 35.45 14.31
N VAL B 42 -18.89 35.93 13.12
CA VAL B 42 -19.38 37.20 12.61
C VAL B 42 -19.98 36.93 11.24
N ARG B 43 -21.25 37.31 11.05
CA ARG B 43 -21.90 37.09 9.77
C ARG B 43 -21.23 38.00 8.72
N GLU B 44 -20.91 37.41 7.56
CA GLU B 44 -20.25 38.07 6.43
C GLU B 44 -20.96 37.65 5.15
N GLY B 45 -22.02 38.39 4.83
CA GLY B 45 -22.89 38.11 3.71
C GLY B 45 -23.73 36.89 4.01
N GLN B 46 -23.70 35.91 3.10
CA GLN B 46 -24.44 34.68 3.34
C GLN B 46 -23.48 33.57 3.91
N ALA B 47 -22.40 34.07 4.59
CA ALA B 47 -21.37 33.28 5.24
C ALA B 47 -21.30 33.65 6.73
N SER B 48 -20.28 33.11 7.44
CA SER B 48 -20.00 33.31 8.86
C SER B 48 -18.52 33.09 9.11
N ARG B 49 -17.81 34.14 9.57
CA ARG B 49 -16.38 34.01 9.89
C ARG B 49 -16.23 33.65 11.37
N CYS B 50 -15.47 32.58 11.69
CA CYS B 50 -15.36 32.09 13.04
C CYS B 50 -13.95 31.85 13.45
N TRP B 51 -13.76 31.79 14.76
CA TRP B 51 -12.47 31.51 15.36
C TRP B 51 -12.66 30.41 16.36
N VAL B 52 -12.09 29.23 16.06
CA VAL B 52 -12.24 28.08 16.92
C VAL B 52 -10.96 27.92 17.70
N ALA B 53 -11.07 27.97 19.03
CA ALA B 53 -9.92 27.81 19.90
C ALA B 53 -9.63 26.32 20.07
N VAL B 54 -8.35 25.93 19.87
CA VAL B 54 -7.88 24.54 19.94
C VAL B 54 -7.10 24.28 21.25
N THR B 55 -7.64 23.37 22.09
CA THR B 55 -7.12 22.94 23.39
C THR B 55 -5.75 22.21 23.25
N PRO B 56 -4.75 22.54 24.11
CA PRO B 56 -3.41 21.94 23.98
C PRO B 56 -3.37 20.43 24.30
N LEU B 70 2.99 30.01 21.74
CA LEU B 70 2.19 30.23 20.54
C LEU B 70 0.87 29.45 20.61
N ARG B 71 -0.24 30.16 20.97
CA ARG B 71 -1.59 29.61 21.08
C ARG B 71 -2.28 29.57 19.71
N ARG B 72 -2.18 28.40 19.02
CA ARG B 72 -2.76 28.17 17.69
C ARG B 72 -4.28 27.96 17.79
N HIS B 73 -5.01 28.68 16.93
CA HIS B 73 -6.47 28.58 16.79
C HIS B 73 -6.81 28.24 15.31
N ILE B 74 -8.12 27.99 15.00
CA ILE B 74 -8.57 27.65 13.66
C ILE B 74 -9.50 28.74 13.13
N ASP B 75 -9.14 29.30 11.99
CA ASP B 75 -9.91 30.31 11.27
C ASP B 75 -10.88 29.57 10.39
N LEU B 76 -12.14 30.03 10.42
CA LEU B 76 -13.21 29.33 9.71
C LEU B 76 -14.15 30.22 8.93
N LEU B 77 -14.43 29.83 7.71
CA LEU B 77 -15.43 30.53 6.93
C LEU B 77 -16.41 29.48 6.50
N VAL B 78 -17.70 29.62 6.90
CA VAL B 78 -18.73 28.62 6.62
C VAL B 78 -19.91 29.26 5.90
N GLY B 79 -20.53 28.52 5.01
CA GLY B 79 -21.71 28.99 4.29
C GLY B 79 -22.53 27.85 3.76
N SER B 80 -23.87 28.04 3.68
CA SER B 80 -24.77 27.02 3.16
C SER B 80 -25.14 27.32 1.73
N ALA B 81 -25.29 26.26 0.93
CA ALA B 81 -25.68 26.37 -0.48
C ALA B 81 -26.68 25.30 -0.83
N THR B 82 -27.83 25.74 -1.37
CA THR B 82 -28.90 24.85 -1.82
C THR B 82 -28.53 24.45 -3.21
N GLU B 83 -28.44 23.14 -3.42
CA GLU B 83 -28.07 22.55 -4.70
C GLU B 83 -28.90 23.14 -5.82
N ASN B 84 -28.21 23.54 -6.89
CA ASN B 84 -28.78 24.18 -8.06
C ASN B 84 -29.12 23.16 -9.17
N LEU B 85 -28.14 22.33 -9.52
CA LEU B 85 -28.21 21.32 -10.57
C LEU B 85 -28.91 20.07 -10.08
N TYR B 86 -30.00 19.68 -10.76
CA TYR B 86 -30.79 18.48 -10.50
C TYR B 86 -31.17 17.87 -11.81
N PHE B 87 -31.18 16.53 -11.91
CA PHE B 87 -31.60 15.89 -13.17
C PHE B 87 -33.12 15.83 -13.25
N GLN B 88 -33.69 16.41 -14.33
CA GLN B 88 -35.15 16.41 -14.57
C GLN B 88 -35.57 15.23 -15.44
N ASP C 18 -14.03 23.20 -33.59
CA ASP C 18 -14.08 21.82 -34.10
C ASP C 18 -15.39 21.10 -33.76
N CYS C 19 -15.95 21.42 -32.59
CA CYS C 19 -17.14 20.84 -31.95
C CYS C 19 -17.74 21.98 -31.07
N PRO C 20 -18.47 22.95 -31.70
CA PRO C 20 -18.76 24.21 -31.01
C PRO C 20 -20.03 24.30 -30.16
N ASN C 21 -21.08 23.56 -30.54
CA ASN C 21 -22.35 23.60 -29.80
C ASN C 21 -22.32 22.75 -28.54
N SER C 22 -21.32 21.89 -28.40
CA SER C 22 -21.18 21.02 -27.24
C SER C 22 -19.95 21.43 -26.38
N SER C 23 -19.30 22.57 -26.77
CA SER C 23 -18.09 23.22 -26.23
C SER C 23 -18.01 23.23 -24.72
N VAL C 24 -19.07 23.70 -24.04
CA VAL C 24 -19.16 23.83 -22.58
C VAL C 24 -18.70 22.54 -21.87
N VAL C 25 -19.10 21.37 -22.44
CA VAL C 25 -18.74 20.05 -21.91
C VAL C 25 -17.30 19.79 -22.16
N TYR C 26 -16.85 20.04 -23.40
CA TYR C 26 -15.47 19.81 -23.79
C TYR C 26 -14.54 20.65 -22.91
N GLU C 27 -14.94 21.89 -22.57
CA GLU C 27 -14.20 22.78 -21.66
C GLU C 27 -14.07 22.12 -20.29
N ALA C 28 -15.19 21.54 -19.77
CA ALA C 28 -15.26 20.87 -18.46
C ALA C 28 -14.40 19.62 -18.44
N ALA C 29 -14.58 18.76 -19.46
CA ALA C 29 -13.84 17.53 -19.65
C ALA C 29 -12.35 17.83 -19.63
N ASP C 30 -11.91 18.86 -20.41
CA ASP C 30 -10.52 19.33 -20.49
C ASP C 30 -10.01 19.77 -19.10
N ALA C 31 -10.81 20.52 -18.33
CA ALA C 31 -10.46 20.97 -16.99
C ALA C 31 -10.24 19.80 -16.02
N ILE C 32 -11.03 18.71 -16.15
CA ILE C 32 -10.93 17.52 -15.31
C ILE C 32 -9.59 16.83 -15.58
N LEU C 33 -9.19 16.72 -16.85
CA LEU C 33 -7.92 16.11 -17.26
C LEU C 33 -6.71 16.94 -16.88
N HIS C 34 -6.87 18.26 -16.87
CA HIS C 34 -5.77 19.16 -16.53
C HIS C 34 -5.71 19.39 -15.03
N THR C 35 -6.66 18.82 -14.26
CA THR C 35 -6.65 18.84 -12.81
C THR C 35 -5.62 17.77 -12.39
N PRO C 36 -4.46 18.18 -11.82
CA PRO C 36 -3.45 17.18 -11.44
C PRO C 36 -3.86 16.43 -10.17
N GLY C 37 -4.58 17.13 -9.29
CA GLY C 37 -5.10 16.60 -8.04
C GLY C 37 -6.37 15.80 -8.26
N CYS C 38 -7.25 15.85 -7.25
CA CYS C 38 -8.51 15.13 -7.17
C CYS C 38 -9.67 16.08 -7.33
N VAL C 39 -10.61 15.81 -8.26
CA VAL C 39 -11.79 16.67 -8.38
C VAL C 39 -12.70 16.38 -7.16
N PRO C 40 -13.07 17.41 -6.38
CA PRO C 40 -13.87 17.17 -5.19
C PRO C 40 -15.32 16.83 -5.56
N CYS C 41 -15.81 15.66 -5.13
CA CYS C 41 -17.18 15.23 -5.40
C CYS C 41 -17.86 14.73 -4.17
N VAL C 42 -19.17 14.88 -4.13
CA VAL C 42 -20.06 14.38 -3.07
C VAL C 42 -21.20 13.66 -3.74
N ARG C 43 -21.46 12.41 -3.34
CA ARG C 43 -22.52 11.61 -3.96
C ARG C 43 -23.93 12.03 -3.51
N GLU C 44 -24.82 12.15 -4.50
CA GLU C 44 -26.24 12.44 -4.36
C GLU C 44 -26.98 11.23 -4.95
N GLY C 45 -26.97 10.13 -4.21
CA GLY C 45 -27.58 8.86 -4.60
C GLY C 45 -26.77 8.12 -5.66
N GLN C 46 -27.17 8.28 -6.93
CA GLN C 46 -26.46 7.67 -8.07
C GLN C 46 -25.43 8.67 -8.58
N ALA C 47 -25.91 9.87 -8.92
CA ALA C 47 -25.09 10.98 -9.39
C ALA C 47 -24.19 11.51 -8.29
N SER C 48 -23.07 12.13 -8.66
CA SER C 48 -22.20 12.78 -7.71
C SER C 48 -21.92 14.22 -8.20
N ARG C 49 -22.07 15.19 -7.29
CA ARG C 49 -21.88 16.61 -7.54
C ARG C 49 -20.42 16.95 -7.37
N CYS C 50 -19.87 17.72 -8.33
CA CYS C 50 -18.46 18.06 -8.32
C CYS C 50 -18.23 19.50 -8.60
N TRP C 51 -17.04 19.95 -8.21
CA TRP C 51 -16.57 21.31 -8.42
C TRP C 51 -15.22 21.23 -9.10
N VAL C 52 -15.17 21.64 -10.37
CA VAL C 52 -13.95 21.58 -11.16
C VAL C 52 -13.40 22.98 -11.26
N ALA C 53 -12.15 23.17 -10.80
CA ALA C 53 -11.56 24.50 -10.89
C ALA C 53 -10.93 24.69 -12.27
N VAL C 54 -11.12 25.88 -12.86
CA VAL C 54 -10.52 26.21 -14.15
C VAL C 54 -9.30 27.17 -13.87
N THR C 55 -8.10 26.81 -14.39
CA THR C 55 -6.84 27.55 -14.20
C THR C 55 -6.83 28.90 -14.94
N ARG C 71 -10.35 34.15 -9.56
CA ARG C 71 -10.52 32.71 -9.81
C ARG C 71 -11.96 32.37 -10.16
N ARG C 72 -12.15 31.23 -10.84
CA ARG C 72 -13.44 30.68 -11.25
C ARG C 72 -13.45 29.15 -11.09
N HIS C 73 -14.62 28.54 -11.32
CA HIS C 73 -14.85 27.10 -11.22
C HIS C 73 -16.16 26.70 -11.91
N ILE C 74 -16.18 25.43 -12.35
CA ILE C 74 -17.26 24.76 -13.04
C ILE C 74 -18.00 23.87 -12.04
N ASP C 75 -19.33 23.93 -12.05
CA ASP C 75 -20.20 23.07 -11.25
C ASP C 75 -20.67 21.94 -12.14
N LEU C 76 -20.52 20.68 -11.71
CA LEU C 76 -21.07 19.63 -12.55
C LEU C 76 -21.65 18.49 -11.74
N LEU C 77 -22.78 18.00 -12.24
CA LEU C 77 -23.51 16.88 -11.71
C LEU C 77 -23.38 15.78 -12.71
N VAL C 78 -22.77 14.65 -12.30
CA VAL C 78 -22.50 13.50 -13.18
C VAL C 78 -23.13 12.26 -12.60
N GLY C 79 -23.77 11.48 -13.45
CA GLY C 79 -24.42 10.26 -13.04
C GLY C 79 -24.48 9.22 -14.13
N SER C 80 -24.67 7.97 -13.72
CA SER C 80 -24.77 6.84 -14.64
C SER C 80 -26.22 6.45 -14.81
N ALA C 81 -26.56 5.93 -16.00
CA ALA C 81 -27.91 5.50 -16.34
C ALA C 81 -27.89 4.24 -17.22
N THR C 82 -28.88 3.36 -17.03
CA THR C 82 -28.98 2.14 -17.84
C THR C 82 -30.42 1.91 -18.38
N GLU C 83 -30.52 1.44 -19.66
CA GLU C 83 -31.78 1.18 -20.38
C GLU C 83 -32.15 -0.31 -20.27
N THR D 2 37.74 -21.78 31.64
CA THR D 2 38.35 -20.48 31.36
C THR D 2 37.71 -19.88 30.06
N GLY D 3 37.53 -20.72 29.03
CA GLY D 3 36.91 -20.37 27.75
C GLY D 3 37.78 -19.65 26.74
N TYR D 4 37.25 -19.46 25.51
CA TYR D 4 37.94 -18.79 24.38
C TYR D 4 38.30 -17.33 24.71
N GLN D 5 39.43 -16.86 24.13
CA GLN D 5 40.03 -15.53 24.32
C GLN D 5 39.63 -14.54 23.22
N VAL D 6 39.40 -13.25 23.60
CA VAL D 6 39.05 -12.15 22.68
C VAL D 6 39.81 -10.84 23.01
N ARG D 7 40.57 -10.34 22.01
CA ARG D 7 41.30 -9.09 22.03
C ARG D 7 40.51 -8.11 21.17
N ASN D 8 39.95 -7.06 21.78
CA ASN D 8 39.20 -6.08 20.99
C ASN D 8 39.62 -4.64 21.36
N SER D 9 38.78 -3.66 20.95
CA SER D 9 38.98 -2.21 21.13
C SER D 9 39.01 -1.76 22.61
N SER D 10 38.36 -2.52 23.52
CA SER D 10 38.27 -2.21 24.95
C SER D 10 39.27 -3.03 25.80
N GLY D 11 39.88 -4.07 25.20
CA GLY D 11 40.84 -4.88 25.93
C GLY D 11 41.22 -6.22 25.33
N LEU D 12 41.39 -7.20 26.23
CA LEU D 12 41.82 -8.59 26.04
C LEU D 12 41.19 -9.39 27.18
N TYR D 13 40.14 -10.16 26.85
CA TYR D 13 39.27 -10.87 27.78
C TYR D 13 39.27 -12.39 27.60
N HIS D 14 38.51 -13.12 28.45
CA HIS D 14 38.23 -14.57 28.40
C HIS D 14 36.72 -14.75 28.49
N VAL D 15 36.11 -15.34 27.47
CA VAL D 15 34.65 -15.49 27.42
C VAL D 15 34.24 -16.95 27.44
N THR D 16 33.09 -17.24 28.08
CA THR D 16 32.42 -18.55 28.05
C THR D 16 30.95 -18.33 27.69
N ASN D 17 30.43 -19.03 26.65
CA ASN D 17 29.03 -18.86 26.24
C ASN D 17 28.16 -19.68 27.16
N ASP D 18 27.26 -19.02 27.93
CA ASP D 18 26.39 -19.67 28.90
C ASP D 18 25.28 -20.52 28.23
N CYS D 19 25.04 -20.29 26.91
CA CYS D 19 24.04 -21.00 26.12
C CYS D 19 24.58 -21.21 24.71
N PRO D 20 25.50 -22.20 24.52
CA PRO D 20 26.09 -22.41 23.19
C PRO D 20 25.10 -22.89 22.15
N ASN D 21 24.04 -23.60 22.58
CA ASN D 21 23.00 -24.12 21.68
C ASN D 21 22.06 -23.02 21.16
N SER D 22 21.97 -21.90 21.91
CA SER D 22 21.02 -20.84 21.64
C SER D 22 21.58 -19.70 20.82
N SER D 23 22.90 -19.70 20.55
CA SER D 23 23.63 -18.66 19.82
C SER D 23 23.00 -18.25 18.45
N VAL D 24 22.65 -19.22 17.56
CA VAL D 24 22.07 -18.89 16.25
C VAL D 24 20.69 -18.20 16.40
N VAL D 25 19.96 -18.51 17.48
CA VAL D 25 18.64 -17.94 17.75
C VAL D 25 18.77 -16.46 18.02
N TYR D 26 19.73 -16.10 18.90
CA TYR D 26 20.02 -14.71 19.25
C TYR D 26 20.49 -13.95 18.02
N GLU D 27 21.37 -14.59 17.22
CA GLU D 27 21.91 -14.06 15.98
C GLU D 27 20.75 -13.77 15.00
N ALA D 28 19.78 -14.72 14.88
CA ALA D 28 18.60 -14.64 14.02
C ALA D 28 17.69 -13.52 14.48
N ALA D 29 17.34 -13.50 15.78
CA ALA D 29 16.49 -12.50 16.40
C ALA D 29 17.01 -11.11 16.10
N ASP D 30 18.33 -10.88 16.31
CA ASP D 30 18.98 -9.61 16.04
C ASP D 30 18.80 -9.21 14.56
N ALA D 31 19.11 -10.15 13.64
CA ALA D 31 18.99 -9.96 12.21
C ALA D 31 17.57 -9.56 11.78
N ILE D 32 16.53 -10.12 12.44
CA ILE D 32 15.12 -9.83 12.16
C ILE D 32 14.83 -8.38 12.52
N LEU D 33 15.35 -7.89 13.67
CA LEU D 33 15.15 -6.51 14.11
C LEU D 33 15.89 -5.51 13.26
N HIS D 34 17.05 -5.90 12.72
CA HIS D 34 17.87 -5.02 11.91
C HIS D 34 17.45 -5.08 10.44
N THR D 35 16.49 -5.97 10.11
CA THR D 35 15.87 -6.05 8.79
C THR D 35 14.87 -4.89 8.76
N PRO D 36 15.10 -3.84 7.94
CA PRO D 36 14.15 -2.70 7.93
C PRO D 36 12.85 -3.05 7.20
N GLY D 37 12.96 -3.95 6.19
CA GLY D 37 11.85 -4.46 5.41
C GLY D 37 11.12 -5.58 6.12
N CYS D 38 10.49 -6.46 5.35
CA CYS D 38 9.73 -7.61 5.86
C CYS D 38 10.48 -8.89 5.64
N VAL D 39 10.60 -9.74 6.67
CA VAL D 39 11.25 -11.04 6.50
C VAL D 39 10.32 -11.92 5.63
N PRO D 40 10.84 -12.51 4.55
CA PRO D 40 9.98 -13.29 3.66
C PRO D 40 9.59 -14.62 4.29
N CYS D 41 8.28 -14.85 4.46
CA CYS D 41 7.77 -16.10 5.06
C CYS D 41 6.68 -16.71 4.24
N VAL D 42 6.61 -18.03 4.25
CA VAL D 42 5.57 -18.80 3.57
C VAL D 42 4.99 -19.79 4.56
N ARG D 43 3.66 -19.84 4.65
CA ARG D 43 3.01 -20.75 5.60
C ARG D 43 2.96 -22.17 5.04
N GLU D 44 3.61 -23.11 5.73
CA GLU D 44 3.59 -24.50 5.33
C GLU D 44 3.10 -25.34 6.53
N GLY D 45 1.82 -25.71 6.43
CA GLY D 45 1.11 -26.44 7.46
C GLY D 45 0.79 -25.53 8.63
N GLN D 46 1.11 -26.01 9.85
CA GLN D 46 0.88 -25.26 11.07
C GLN D 46 2.21 -24.59 11.51
N ALA D 47 2.97 -24.16 10.49
CA ALA D 47 4.26 -23.47 10.63
C ALA D 47 4.52 -22.54 9.46
N SER D 48 5.56 -21.69 9.58
CA SER D 48 5.95 -20.78 8.52
C SER D 48 7.47 -20.79 8.35
N ARG D 49 7.91 -20.98 7.12
CA ARG D 49 9.32 -21.03 6.73
C ARG D 49 9.74 -19.66 6.31
N CYS D 50 10.84 -19.15 6.89
CA CYS D 50 11.37 -17.82 6.62
C CYS D 50 12.82 -17.85 6.28
N TRP D 51 13.25 -16.79 5.63
CA TRP D 51 14.63 -16.61 5.23
C TRP D 51 15.06 -15.23 5.70
N VAL D 52 16.00 -15.19 6.64
CA VAL D 52 16.48 -13.92 7.18
C VAL D 52 17.84 -13.64 6.57
N ALA D 53 17.93 -12.52 5.86
CA ALA D 53 19.16 -12.08 5.22
C ALA D 53 20.14 -11.52 6.27
N VAL D 54 21.44 -11.88 6.14
CA VAL D 54 22.47 -11.34 7.03
C VAL D 54 23.43 -10.50 6.19
N THR D 55 23.45 -9.19 6.49
CA THR D 55 24.25 -8.18 5.81
C THR D 55 25.71 -8.27 6.29
N PRO D 56 26.70 -8.22 5.35
CA PRO D 56 28.13 -8.34 5.74
C PRO D 56 28.64 -7.17 6.59
N LEU D 70 30.04 -13.79 -1.20
CA LEU D 70 30.06 -14.48 0.10
C LEU D 70 28.79 -14.09 0.89
N ARG D 71 27.62 -14.42 0.30
CA ARG D 71 26.26 -14.12 0.82
C ARG D 71 25.71 -15.29 1.64
N ARG D 72 25.14 -14.96 2.80
CA ARG D 72 24.59 -15.91 3.77
C ARG D 72 23.20 -15.49 4.21
N HIS D 73 22.41 -16.45 4.70
CA HIS D 73 21.08 -16.20 5.23
C HIS D 73 20.72 -17.27 6.24
N ILE D 74 19.93 -16.87 7.22
CA ILE D 74 19.43 -17.74 8.27
C ILE D 74 18.08 -18.32 7.84
N ASP D 75 18.01 -19.64 7.76
CA ASP D 75 16.80 -20.40 7.47
C ASP D 75 16.09 -20.59 8.78
N LEU D 76 14.80 -20.28 8.85
CA LEU D 76 14.16 -20.48 10.14
C LEU D 76 12.69 -20.87 9.97
N LEU D 77 12.30 -21.92 10.69
CA LEU D 77 10.98 -22.50 10.70
C LEU D 77 10.32 -22.19 12.04
N VAL D 78 9.15 -21.53 12.03
CA VAL D 78 8.45 -21.09 13.24
C VAL D 78 7.03 -21.63 13.28
N GLY D 79 6.55 -21.98 14.47
CA GLY D 79 5.17 -22.45 14.70
C GLY D 79 4.67 -22.08 16.07
N SER D 80 3.38 -21.69 16.20
CA SER D 80 2.82 -21.31 17.51
C SER D 80 1.95 -22.43 18.05
N ALA D 81 1.93 -22.57 19.38
CA ALA D 81 1.15 -23.59 20.09
C ALA D 81 0.60 -23.05 21.42
N THR D 82 -0.69 -23.39 21.75
CA THR D 82 -1.41 -22.96 22.96
C THR D 82 -2.37 -24.06 23.50
N GLU D 83 -2.25 -24.41 24.81
CA GLU D 83 -3.08 -25.34 25.60
C GLU D 83 -2.59 -25.41 27.06
N GLY E 3 -6.80 -4.22 4.79
CA GLY E 3 -6.43 -3.33 5.88
C GLY E 3 -7.60 -2.64 6.55
N TYR E 4 -7.55 -2.50 7.90
CA TYR E 4 -8.62 -1.87 8.68
C TYR E 4 -8.44 -0.36 8.82
N GLN E 5 -9.56 0.37 8.89
CA GLN E 5 -9.55 1.82 9.02
C GLN E 5 -9.79 2.27 10.47
N VAL E 6 -9.26 3.46 10.81
CA VAL E 6 -9.36 4.15 12.10
C VAL E 6 -10.00 5.51 11.84
N ARG E 7 -10.97 5.89 12.67
CA ARG E 7 -11.67 7.17 12.56
C ARG E 7 -11.63 7.86 13.92
N ASN E 8 -10.80 8.89 14.05
CA ASN E 8 -10.69 9.64 15.28
C ASN E 8 -10.82 11.16 15.00
N SER E 9 -10.53 11.97 16.02
CA SER E 9 -10.64 13.43 16.03
C SER E 9 -9.74 14.14 14.98
N SER E 10 -8.64 13.50 14.52
CA SER E 10 -7.73 14.12 13.56
C SER E 10 -8.00 13.70 12.09
N GLY E 11 -9.02 12.85 11.88
CA GLY E 11 -9.42 12.42 10.54
C GLY E 11 -9.70 10.95 10.38
N LEU E 12 -9.59 10.45 9.13
CA LEU E 12 -9.80 9.06 8.75
C LEU E 12 -8.47 8.46 8.26
N TYR E 13 -8.03 7.36 8.92
CA TYR E 13 -6.75 6.68 8.69
C TYR E 13 -6.92 5.21 8.31
N HIS E 14 -5.84 4.60 7.81
CA HIS E 14 -5.79 3.21 7.35
C HIS E 14 -4.57 2.53 7.91
N VAL E 15 -4.78 1.46 8.69
CA VAL E 15 -3.69 0.70 9.33
C VAL E 15 -3.61 -0.71 8.70
N THR E 16 -2.44 -1.01 8.08
CA THR E 16 -2.21 -2.23 7.29
C THR E 16 -0.94 -2.99 7.72
N ASN E 17 -1.01 -4.34 7.83
CA ASN E 17 0.17 -5.16 8.16
C ASN E 17 0.99 -5.36 6.87
N ASP E 18 2.25 -4.88 6.88
CA ASP E 18 3.15 -4.90 5.72
C ASP E 18 3.49 -6.31 5.22
N CYS E 19 3.33 -7.32 6.09
CA CYS E 19 3.48 -8.76 5.83
C CYS E 19 2.73 -9.52 6.92
N PRO E 20 1.49 -9.96 6.62
CA PRO E 20 0.67 -10.63 7.63
C PRO E 20 1.15 -12.06 7.94
N ASN E 21 1.87 -12.67 6.99
CA ASN E 21 2.39 -14.02 7.13
C ASN E 21 3.72 -14.06 7.91
N SER E 22 4.38 -12.91 8.08
CA SER E 22 5.65 -12.82 8.80
C SER E 22 5.46 -12.38 10.27
N SER E 23 4.22 -12.11 10.68
CA SER E 23 3.84 -11.66 12.03
C SER E 23 4.39 -12.58 13.16
N VAL E 24 4.28 -13.94 13.05
CA VAL E 24 4.76 -14.86 14.09
C VAL E 24 6.30 -14.75 14.27
N VAL E 25 7.06 -14.48 13.20
CA VAL E 25 8.51 -14.30 13.28
C VAL E 25 8.84 -13.12 14.17
N TYR E 26 8.22 -11.97 13.86
CA TYR E 26 8.42 -10.71 14.59
C TYR E 26 8.05 -10.91 16.06
N GLU E 27 6.94 -11.62 16.30
CA GLU E 27 6.42 -11.98 17.62
C GLU E 27 7.47 -12.82 18.37
N ALA E 28 8.08 -13.81 17.66
CA ALA E 28 9.11 -14.71 18.18
C ALA E 28 10.38 -13.94 18.51
N ALA E 29 10.87 -13.12 17.56
CA ALA E 29 12.06 -12.29 17.73
C ALA E 29 11.95 -11.42 18.99
N ASP E 30 10.80 -10.74 19.17
CA ASP E 30 10.53 -9.90 20.33
C ASP E 30 10.63 -10.74 21.61
N ALA E 31 9.94 -11.91 21.63
CA ALA E 31 9.92 -12.84 22.77
C ALA E 31 11.33 -13.31 23.16
N ILE E 32 12.24 -13.48 22.19
CA ILE E 32 13.63 -13.90 22.43
C ILE E 32 14.36 -12.80 23.21
N LEU E 33 14.15 -11.54 22.83
CA LEU E 33 14.77 -10.39 23.49
C LEU E 33 14.23 -10.15 24.89
N HIS E 34 12.95 -10.45 25.10
CA HIS E 34 12.28 -10.24 26.37
C HIS E 34 12.44 -11.45 27.28
N THR E 35 13.11 -12.52 26.77
CA THR E 35 13.45 -13.70 27.56
C THR E 35 14.65 -13.26 28.42
N PRO E 36 14.46 -13.19 29.77
CA PRO E 36 15.56 -12.72 30.63
C PRO E 36 16.65 -13.77 30.79
N GLY E 37 16.28 -15.05 30.79
CA GLY E 37 17.24 -16.15 30.86
C GLY E 37 17.75 -16.50 29.47
N CYS E 38 18.03 -17.77 29.19
CA CYS E 38 18.37 -18.01 27.80
C CYS E 38 17.43 -19.03 27.20
N VAL E 39 17.07 -18.80 25.92
CA VAL E 39 16.11 -19.59 25.19
C VAL E 39 16.56 -21.05 25.18
N PRO E 40 15.68 -21.96 25.63
CA PRO E 40 16.07 -23.37 25.68
C PRO E 40 16.23 -23.96 24.27
N CYS E 41 17.45 -24.40 23.92
CA CYS E 41 17.74 -24.97 22.61
C CYS E 41 18.46 -26.26 22.72
N VAL E 42 18.22 -27.12 21.74
CA VAL E 42 18.87 -28.42 21.58
C VAL E 42 19.42 -28.44 20.18
N ARG E 43 20.73 -28.58 20.06
CA ARG E 43 21.39 -28.49 18.78
C ARG E 43 21.25 -29.80 17.97
N GLU E 44 20.65 -29.71 16.78
CA GLU E 44 20.53 -30.83 15.87
C GLU E 44 21.45 -30.54 14.69
N GLY E 45 22.64 -31.14 14.75
CA GLY E 45 23.67 -30.95 13.74
C GLY E 45 24.05 -29.49 13.59
N GLN E 46 23.57 -28.85 12.51
CA GLN E 46 23.87 -27.45 12.26
C GLN E 46 22.68 -26.51 12.63
N ALA E 47 21.60 -27.09 13.19
CA ALA E 47 20.41 -26.31 13.56
C ALA E 47 20.19 -26.30 15.06
N SER E 48 19.26 -25.44 15.54
CA SER E 48 18.85 -25.36 16.95
C SER E 48 17.33 -25.43 17.03
N ARG E 49 16.81 -26.34 17.86
CA ARG E 49 15.37 -26.49 18.04
C ARG E 49 15.05 -25.88 19.38
N CYS E 50 14.30 -24.76 19.38
CA CYS E 50 13.97 -23.98 20.57
C CYS E 50 12.50 -23.77 20.71
N TRP E 51 12.11 -23.27 21.89
CA TRP E 51 10.74 -23.01 22.26
C TRP E 51 10.74 -21.86 23.25
N VAL E 52 10.03 -20.78 22.91
CA VAL E 52 9.99 -19.57 23.73
C VAL E 52 8.55 -19.31 24.23
N ALA E 53 8.40 -18.60 25.38
CA ALA E 53 7.07 -18.32 25.93
C ALA E 53 6.61 -16.88 25.62
N VAL E 54 5.26 -16.66 25.58
CA VAL E 54 4.62 -15.36 25.35
C VAL E 54 3.49 -15.18 26.37
N LEU E 70 -3.96 -20.69 30.25
CA LEU E 70 -3.54 -20.78 28.85
C LEU E 70 -2.16 -20.15 28.63
N ARG E 71 -1.14 -20.98 28.32
CA ARG E 71 0.24 -20.53 28.08
C ARG E 71 0.62 -20.64 26.58
N ARG E 72 1.07 -19.50 25.99
CA ARG E 72 1.47 -19.40 24.58
C ARG E 72 2.95 -19.75 24.42
N HIS E 73 3.23 -20.62 23.43
CA HIS E 73 4.58 -21.09 23.14
C HIS E 73 4.91 -20.99 21.67
N ILE E 74 6.12 -20.54 21.35
CA ILE E 74 6.59 -20.48 19.97
C ILE E 74 7.74 -21.48 19.80
N ASP E 75 7.52 -22.48 18.94
CA ASP E 75 8.53 -23.45 18.60
C ASP E 75 9.31 -22.90 17.43
N LEU E 76 10.64 -22.97 17.47
CA LEU E 76 11.38 -22.54 16.31
C LEU E 76 12.62 -23.38 16.08
N LEU E 77 12.83 -23.70 14.81
CA LEU E 77 13.95 -24.44 14.30
C LEU E 77 14.75 -23.47 13.45
N VAL E 78 16.02 -23.23 13.84
CA VAL E 78 16.87 -22.23 13.19
C VAL E 78 18.16 -22.86 12.71
N GLY E 79 18.62 -22.44 11.55
CA GLY E 79 19.88 -22.89 10.95
C GLY E 79 20.38 -21.87 9.93
N SER E 80 21.70 -21.76 9.77
CA SER E 80 22.25 -20.81 8.80
C SER E 80 22.71 -21.55 7.56
N ALA E 81 22.60 -20.88 6.40
CA ALA E 81 23.01 -21.44 5.11
C ALA E 81 23.66 -20.39 4.23
N THR E 82 24.78 -20.77 3.64
CA THR E 82 25.56 -19.96 2.71
C THR E 82 24.96 -20.16 1.34
N GLU E 83 24.67 -19.06 0.64
CA GLU E 83 24.08 -19.09 -0.69
C GLU E 83 24.91 -19.93 -1.67
N ASN E 84 24.19 -20.66 -2.56
CA ASN E 84 24.75 -21.51 -3.61
C ASN E 84 24.57 -20.85 -4.99
N LEU E 85 23.46 -20.12 -5.19
CA LEU E 85 23.19 -19.45 -6.45
C LEU E 85 23.93 -18.10 -6.53
N TYR E 86 24.88 -18.01 -7.46
CA TYR E 86 25.63 -16.79 -7.79
C TYR E 86 25.85 -16.72 -9.28
N PHE E 87 25.81 -15.54 -9.87
CA PHE E 87 26.10 -15.44 -11.29
C PHE E 87 26.80 -14.12 -11.58
N GLN E 88 27.72 -14.13 -12.58
CA GLN E 88 28.49 -12.97 -13.07
C GLN E 88 29.28 -13.34 -14.33
N GLY F 3 4.43 2.51 -2.53
CA GLY F 3 3.56 3.54 -1.96
C GLY F 3 3.21 4.66 -2.91
N TYR F 4 3.70 4.53 -4.17
CA TYR F 4 3.61 5.45 -5.33
C TYR F 4 2.18 5.72 -5.84
N GLN F 5 1.93 6.91 -6.44
CA GLN F 5 0.59 7.19 -6.96
C GLN F 5 0.49 6.98 -8.48
N VAL F 6 -0.77 6.83 -8.96
CA VAL F 6 -1.15 6.59 -10.35
C VAL F 6 -2.31 7.51 -10.72
N ARG F 7 -2.24 8.12 -11.91
CA ARG F 7 -3.28 8.99 -12.44
C ARG F 7 -3.61 8.52 -13.86
N ASN F 8 -4.77 7.85 -14.02
CA ASN F 8 -5.21 7.36 -15.31
C ASN F 8 -6.66 7.79 -15.58
N SER F 9 -7.27 7.23 -16.64
CA SER F 9 -8.63 7.53 -17.12
C SER F 9 -9.74 7.24 -16.12
N SER F 10 -9.51 6.35 -15.14
CA SER F 10 -10.54 5.97 -14.16
C SER F 10 -10.43 6.74 -12.82
N GLY F 11 -9.43 7.62 -12.72
CA GLY F 11 -9.24 8.45 -11.53
C GLY F 11 -7.81 8.58 -11.03
N LEU F 12 -7.67 8.89 -9.73
CA LEU F 12 -6.41 9.04 -9.03
C LEU F 12 -6.30 7.94 -7.96
N TYR F 13 -5.22 7.14 -8.04
CA TYR F 13 -4.98 5.99 -7.15
C TYR F 13 -3.62 6.05 -6.45
N HIS F 14 -3.45 5.21 -5.41
CA HIS F 14 -2.23 5.00 -4.62
C HIS F 14 -1.98 3.52 -4.59
N VAL F 15 -0.83 3.08 -5.15
CA VAL F 15 -0.47 1.67 -5.27
C VAL F 15 0.71 1.32 -4.40
N THR F 16 0.63 0.16 -3.73
CA THR F 16 1.71 -0.38 -2.91
C THR F 16 2.04 -1.82 -3.38
N ASN F 17 3.32 -2.10 -3.65
CA ASN F 17 3.75 -3.43 -4.06
C ASN F 17 3.87 -4.31 -2.82
N ASP F 18 3.08 -5.39 -2.76
CA ASP F 18 3.04 -6.31 -1.62
C ASP F 18 4.30 -7.18 -1.49
N CYS F 19 5.16 -7.21 -2.54
CA CYS F 19 6.44 -7.91 -2.53
C CYS F 19 7.41 -7.17 -3.43
N PRO F 20 8.11 -6.21 -2.82
CA PRO F 20 9.02 -5.35 -3.60
C PRO F 20 10.17 -6.07 -4.29
N ASN F 21 10.69 -7.10 -3.61
CA ASN F 21 11.83 -7.89 -4.04
C ASN F 21 11.47 -8.95 -5.10
N SER F 22 10.18 -9.25 -5.22
CA SER F 22 9.68 -10.33 -6.09
C SER F 22 9.24 -9.86 -7.47
N SER F 23 9.22 -8.54 -7.70
CA SER F 23 8.78 -7.93 -8.97
C SER F 23 9.44 -8.51 -10.26
N VAL F 24 10.78 -8.64 -10.28
CA VAL F 24 11.50 -9.16 -11.46
C VAL F 24 11.11 -10.63 -11.73
N VAL F 25 10.76 -11.40 -10.68
CA VAL F 25 10.38 -12.80 -10.78
C VAL F 25 9.09 -12.91 -11.55
N TYR F 26 8.08 -12.10 -11.18
CA TYR F 26 6.78 -12.07 -11.85
C TYR F 26 6.94 -11.66 -13.30
N GLU F 27 7.79 -10.65 -13.53
CA GLU F 27 8.14 -10.12 -14.84
C GLU F 27 8.78 -11.22 -15.71
N ALA F 28 9.69 -12.01 -15.10
CA ALA F 28 10.40 -13.15 -15.72
C ALA F 28 9.45 -14.27 -16.05
N ALA F 29 8.64 -14.68 -15.08
CA ALA F 29 7.65 -15.74 -15.23
C ALA F 29 6.73 -15.45 -16.42
N ASP F 30 6.20 -14.21 -16.49
CA ASP F 30 5.34 -13.76 -17.59
C ASP F 30 6.07 -13.89 -18.93
N ALA F 31 7.31 -13.39 -19.00
CA ALA F 31 8.14 -13.43 -20.20
C ALA F 31 8.37 -14.85 -20.70
N ILE F 32 8.51 -15.83 -19.78
CA ILE F 32 8.72 -17.25 -20.09
C ILE F 32 7.48 -17.79 -20.78
N LEU F 33 6.26 -17.44 -20.29
CA LEU F 33 4.99 -17.86 -20.88
C LEU F 33 4.72 -17.25 -22.23
N HIS F 34 5.18 -16.02 -22.45
CA HIS F 34 4.97 -15.31 -23.69
C HIS F 34 6.06 -15.64 -24.71
N THR F 35 7.09 -16.41 -24.28
CA THR F 35 8.13 -16.91 -25.16
C THR F 35 7.48 -18.11 -25.89
N PRO F 36 7.26 -18.01 -27.22
CA PRO F 36 6.64 -19.13 -27.95
C PRO F 36 7.64 -20.28 -28.16
N GLY F 37 8.93 -19.93 -28.31
CA GLY F 37 10.03 -20.86 -28.49
C GLY F 37 10.50 -21.41 -27.15
N CYS F 38 11.79 -21.73 -27.05
CA CYS F 38 12.39 -22.31 -25.85
C CYS F 38 13.29 -21.32 -25.19
N VAL F 39 13.21 -21.14 -23.86
CA VAL F 39 14.13 -20.25 -23.17
C VAL F 39 15.53 -20.90 -23.17
N PRO F 40 16.57 -20.18 -23.64
CA PRO F 40 17.89 -20.80 -23.74
C PRO F 40 18.53 -20.99 -22.36
N CYS F 41 18.86 -22.24 -22.00
CA CYS F 41 19.46 -22.58 -20.72
C CYS F 41 20.67 -23.44 -20.88
N VAL F 42 21.63 -23.26 -19.96
CA VAL F 42 22.86 -24.06 -19.87
C VAL F 42 23.03 -24.53 -18.43
N ARG F 43 23.43 -25.78 -18.21
CA ARG F 43 23.63 -26.26 -16.86
C ARG F 43 24.94 -25.73 -16.29
N GLU F 44 24.86 -25.13 -15.10
CA GLU F 44 25.97 -24.57 -14.33
C GLU F 44 25.98 -25.27 -12.97
N GLY F 45 26.42 -26.52 -12.95
CA GLY F 45 26.43 -27.35 -11.76
C GLY F 45 25.05 -27.93 -11.52
N GLN F 46 24.58 -27.89 -10.26
CA GLN F 46 23.24 -28.41 -9.92
C GLN F 46 22.13 -27.36 -10.21
N ALA F 47 22.48 -26.39 -11.06
CA ALA F 47 21.61 -25.32 -11.50
C ALA F 47 21.63 -25.20 -13.01
N SER F 48 20.79 -24.30 -13.57
CA SER F 48 20.73 -23.99 -14.99
C SER F 48 20.57 -22.46 -15.18
N ARG F 49 21.50 -21.86 -15.93
CA ARG F 49 21.59 -20.44 -16.27
C ARG F 49 20.73 -20.16 -17.49
N CYS F 50 19.88 -19.14 -17.46
CA CYS F 50 19.00 -18.85 -18.59
C CYS F 50 18.97 -17.40 -18.92
N TRP F 51 18.51 -17.12 -20.14
CA TRP F 51 18.36 -15.78 -20.67
C TRP F 51 16.98 -15.65 -21.24
N VAL F 52 16.15 -14.82 -20.61
CA VAL F 52 14.78 -14.63 -21.06
C VAL F 52 14.72 -13.28 -21.75
N ALA F 53 14.32 -13.28 -23.01
CA ALA F 53 14.20 -12.04 -23.77
C ALA F 53 12.87 -11.37 -23.45
N VAL F 54 12.94 -10.06 -23.16
CA VAL F 54 11.74 -9.27 -22.87
C VAL F 54 11.55 -8.27 -24.01
N THR F 55 10.35 -8.30 -24.59
CA THR F 55 9.96 -7.42 -25.69
C THR F 55 9.89 -5.94 -25.16
N PRO F 56 10.46 -4.96 -25.92
CA PRO F 56 10.49 -3.57 -25.43
C PRO F 56 9.11 -2.87 -25.40
N THR F 57 8.91 -2.04 -24.33
CA THR F 57 7.76 -1.20 -23.97
C THR F 57 6.43 -1.97 -24.06
N GLN F 69 16.69 1.45 -30.98
CA GLN F 69 15.77 0.90 -29.99
C GLN F 69 16.52 0.25 -28.81
N LEU F 70 16.10 0.57 -27.56
CA LEU F 70 16.66 0.05 -26.30
C LEU F 70 16.00 -1.31 -25.87
N ARG F 71 16.74 -2.43 -26.08
CA ARG F 71 16.32 -3.79 -25.74
C ARG F 71 16.86 -4.21 -24.36
N ARG F 72 16.26 -5.24 -23.77
CA ARG F 72 16.61 -5.74 -22.45
C ARG F 72 16.28 -7.23 -22.32
N HIS F 73 16.94 -7.93 -21.38
CA HIS F 73 16.68 -9.34 -21.11
C HIS F 73 16.77 -9.62 -19.60
N ILE F 74 16.34 -10.81 -19.20
CA ILE F 74 16.33 -11.25 -17.81
C ILE F 74 17.25 -12.45 -17.66
N ASP F 75 18.23 -12.31 -16.80
CA ASP F 75 19.16 -13.39 -16.46
C ASP F 75 18.53 -14.16 -15.32
N LEU F 76 18.43 -15.47 -15.44
CA LEU F 76 17.93 -16.21 -14.29
C LEU F 76 18.69 -17.50 -14.13
N LEU F 77 19.00 -17.79 -12.89
CA LEU F 77 19.68 -18.99 -12.45
C LEU F 77 18.69 -19.78 -11.62
N VAL F 78 18.39 -21.00 -12.06
CA VAL F 78 17.37 -21.84 -11.44
C VAL F 78 17.96 -23.18 -10.99
N GLY F 79 17.47 -23.71 -9.88
CA GLY F 79 17.85 -25.01 -9.35
C GLY F 79 16.82 -25.52 -8.38
N SER F 80 16.57 -26.83 -8.30
CA SER F 80 15.56 -27.32 -7.35
C SER F 80 16.23 -27.90 -6.13
N ALA F 81 15.58 -27.78 -4.96
CA ALA F 81 16.14 -28.28 -3.71
C ALA F 81 15.09 -28.79 -2.75
N THR F 82 15.54 -29.70 -1.89
CA THR F 82 14.75 -30.25 -0.79
C THR F 82 15.01 -29.40 0.44
N GLU F 83 13.95 -28.99 1.18
CA GLU F 83 14.12 -28.20 2.41
C GLU F 83 14.78 -29.12 3.48
N ASN F 84 15.65 -28.55 4.31
CA ASN F 84 16.38 -29.32 5.33
C ASN F 84 15.70 -29.28 6.68
N LEU F 85 15.10 -28.14 7.02
CA LEU F 85 14.50 -27.94 8.31
C LEU F 85 13.03 -28.30 8.32
N TYR F 86 12.66 -29.31 9.10
CA TYR F 86 11.28 -29.72 9.32
C TYR F 86 11.09 -30.00 10.79
N PHE F 87 9.90 -29.70 11.35
CA PHE F 87 9.66 -29.94 12.78
C PHE F 87 9.47 -31.44 13.11
N GLN F 88 9.29 -32.32 12.08
CA GLN F 88 9.11 -33.77 12.17
C GLN F 88 8.98 -34.35 10.75
C1 NAG G . 0.18 -4.21 -11.93
C2 NAG G . 0.00 -3.66 -13.33
C3 NAG G . 0.57 -2.35 -12.80
C4 NAG G . -0.39 -1.68 -11.79
C5 NAG G . -0.87 -2.64 -10.70
C6 NAG G . -2.19 -2.22 -10.06
C7 NAG G . 0.48 -4.90 -15.38
C8 NAG G . 1.53 -5.36 -16.34
N2 NAG G . 0.90 -4.24 -14.31
O3 NAG G . 0.89 -1.49 -13.88
O4 NAG G . 0.32 -0.64 -11.13
O5 NAG G . -1.01 -3.98 -11.20
O6 NAG G . -3.28 -2.30 -10.97
O7 NAG G . -0.72 -5.12 -15.59
C1 NAG H . -18.31 10.85 -0.82
C2 NAG H . -17.58 11.81 0.13
C3 NAG H . -18.18 11.75 1.54
C4 NAG H . -19.70 11.90 1.49
C5 NAG H . -20.31 10.90 0.51
C6 NAG H . -21.80 11.06 0.34
C7 NAG H . -15.20 12.12 -0.51
C8 NAG H . -13.83 11.51 -0.43
N2 NAG H . -16.16 11.46 0.16
O3 NAG H . -17.63 12.80 2.32
O4 NAG H . -20.22 11.68 2.80
O5 NAG H . -19.73 11.07 -0.79
O6 NAG H . -22.14 12.23 -0.38
O7 NAG H . -15.42 13.15 -1.15
C1 NAG I . 1.16 -2.61 17.70
C2 NAG I . 0.53 -2.32 16.34
C3 NAG I . -0.95 -2.69 16.44
C4 NAG I . -1.13 -4.12 16.96
C5 NAG I . -0.44 -4.26 18.32
C6 NAG I . -0.51 -5.65 18.90
C7 NAG I . 0.35 -0.27 14.96
C8 NAG I . 0.11 1.21 15.07
N2 NAG I . 0.67 -0.88 16.11
O3 NAG I . -1.61 -2.55 15.18
O4 NAG I . -2.51 -4.41 17.07
O5 NAG I . 0.95 -3.94 18.18
O6 NAG I . 0.22 -5.72 20.12
O7 NAG I . 0.21 -0.87 13.90
C1 NAG J . -4.56 17.61 -2.01
C2 NAG J . -4.95 16.67 -3.15
C3 NAG J . -3.79 16.71 -4.15
C4 NAG J . -3.56 18.14 -4.65
C5 NAG J . -3.33 19.08 -3.46
C6 NAG J . -3.27 20.54 -3.85
C7 NAG J . -6.40 14.80 -2.45
C8 NAG J . -6.42 13.43 -1.83
N2 NAG J . -5.18 15.32 -2.69
O3 NAG J . -4.07 15.84 -5.24
O4 NAG J . -2.42 18.17 -5.51
O5 NAG J . -4.38 18.94 -2.50
O6 NAG J . -4.57 21.08 -4.09
O7 NAG J . -7.43 15.40 -2.71
C1 NAG K . 34.55 -6.34 23.17
C2 NAG K . 34.75 -7.36 24.30
C3 NAG K . 33.59 -7.17 25.29
C4 NAG K . 33.49 -5.72 25.74
C5 NAG K . 33.31 -4.81 24.52
C6 NAG K . 33.25 -3.34 24.86
C7 NAG K . 34.78 -9.83 24.25
C8 NAG K . 34.14 -10.99 23.56
N2 NAG K . 34.63 -8.65 23.64
O3 NAG K . 33.76 -8.03 26.41
O4 NAG K . 32.42 -5.56 26.66
O5 NAG K . 34.42 -4.99 23.62
O6 NAG K . 33.04 -2.55 23.69
O7 NAG K . 35.38 -9.94 25.31
C1 NAG L . 22.42 -28.62 23.75
C2 NAG L . 21.64 -29.08 24.98
C3 NAG L . 21.82 -30.58 25.26
C4 NAG L . 21.55 -31.39 23.98
C5 NAG L . 22.40 -30.85 22.83
C6 NAG L . 22.15 -31.57 21.52
C7 NAG L . 21.41 -27.28 26.67
C8 NAG L . 22.12 -26.52 27.75
N2 NAG L . 22.10 -28.30 26.12
O3 NAG L . 20.90 -31.00 26.25
O4 NAG L . 21.87 -32.74 24.25
O5 NAG L . 22.12 -29.47 22.62
O6 NAG L . 20.88 -31.23 20.98
O7 NAG L . 20.28 -27.00 26.31
C1 NAG M . -5.73 8.99 15.12
C2 NAG M . -4.79 9.78 16.04
C3 NAG M . -3.58 10.02 15.14
C4 NAG M . -2.92 8.69 14.75
C5 NAG M . -3.94 7.73 14.13
C6 NAG M . -3.44 6.31 14.07
C7 NAG M . -5.27 11.43 17.80
C8 NAG M . -5.67 12.84 18.07
N2 NAG M . -5.32 11.05 16.51
O3 NAG M . -2.63 10.88 15.77
O4 NAG M . -1.89 8.95 13.82
O5 NAG M . -5.15 7.71 14.92
O6 NAG M . -4.46 5.42 13.62
O7 NAG M . -4.92 10.67 18.69
C1 NAG N . -0.04 -15.96 3.34
C2 NAG N . -0.20 -15.45 1.91
C3 NAG N . -1.42 -16.13 1.28
C4 NAG N . -1.30 -17.66 1.39
C5 NAG N . -1.06 -18.08 2.84
C6 NAG N . -0.76 -19.56 3.00
C7 NAG N . 0.57 -13.12 1.64
C8 NAG N . 0.22 -11.69 1.83
N2 NAG N . -0.39 -14.01 1.92
O3 NAG N . -1.52 -15.76 -0.09
O4 NAG N . -2.49 -18.26 0.90
O5 NAG N . 0.08 -17.38 3.38
O6 NAG N . 0.55 -19.90 2.56
O7 NAG N . 1.68 -13.48 1.23
C1 NAG O . -5.78 2.94 -13.13
C2 NAG O . -6.39 1.71 -13.80
C3 NAG O . -6.92 0.77 -12.71
C4 NAG O . -5.83 0.44 -11.70
C5 NAG O . -5.18 1.71 -11.15
C6 NAG O . -3.96 1.43 -10.32
C7 NAG O . -7.35 1.98 -16.04
C8 NAG O . -8.58 2.33 -16.82
N2 NAG O . -7.45 2.08 -14.71
O3 NAG O . -7.38 -0.43 -13.32
O4 NAG O . -6.43 -0.28 -10.63
O5 NAG O . -4.74 2.54 -12.23
O6 NAG O . -2.91 0.87 -11.11
O7 NAG O . -6.32 1.62 -16.59
C1 NAG P . 13.70 -7.82 0.59
C2 NAG P . 13.13 -8.50 1.84
C3 NAG P . 13.87 -8.02 3.09
C4 NAG P . 15.38 -8.15 2.92
C5 NAG P . 15.83 -7.40 1.66
C6 NAG P . 17.31 -7.53 1.37
C7 NAG P . 10.71 -9.01 1.58
C8 NAG P . 9.33 -8.43 1.62
N2 NAG P . 11.71 -8.18 1.94
O3 NAG P . 13.46 -8.80 4.22
O4 NAG P . 16.04 -7.62 4.07
O5 NAG P . 15.13 -7.92 0.52
O6 NAG P . 17.66 -8.84 0.92
O7 NAG P . 10.91 -10.17 1.23
#